data_2JT5
#
_entry.id   2JT5
#
loop_
_entity.id
_entity.type
_entity.pdbx_description
1 polymer Stromelysin-1
2 non-polymer 'ZINC ION'
3 non-polymer 'CALCIUM ION'
4 non-polymer N~2~-(biphenyl-4-ylsulfonyl)-N-hydroxy-N~2~-(2-hydroxyethyl)glycinamide
#
_entity_poly.entity_id   1
_entity_poly.type   'polypeptide(L)'
_entity_poly.pdbx_seq_one_letter_code
;GIPKWRKTHLTYRIVNYTPDLPKDAVDSAVEKALKVWEEVTPLTFSRLYEGEADIMISFAVREHGDFYPFDGPGNVLAHA
YAPGPGINGDAHFDDDEQWTKDTTGTNLFLVAAHEIGHSLGLFHSANTEALMYPLYHSLTDLTRFRLSQDDINGIQSLYG
P
;
_entity_poly.pdbx_strand_id   A
#
# COMPACT_ATOMS: atom_id res chain seq x y z
N GLY A 1 -13.84 -16.05 -1.16
CA GLY A 1 -13.92 -15.04 -2.26
C GLY A 1 -14.99 -13.97 -2.03
N ILE A 2 -14.60 -12.82 -1.49
CA ILE A 2 -15.52 -11.71 -1.25
C ILE A 2 -14.76 -10.36 -1.22
N PRO A 3 -14.52 -9.77 -2.41
CA PRO A 3 -13.78 -8.50 -2.53
C PRO A 3 -14.63 -7.23 -2.28
N LYS A 4 -14.09 -6.07 -2.67
CA LYS A 4 -14.77 -4.78 -2.46
C LYS A 4 -16.11 -4.69 -3.19
N TRP A 5 -17.20 -4.80 -2.44
CA TRP A 5 -18.56 -4.73 -3.00
C TRP A 5 -18.73 -5.72 -4.18
N ARG A 6 -18.00 -6.83 -4.12
CA ARG A 6 -18.03 -7.88 -5.15
C ARG A 6 -17.44 -7.42 -6.50
N LYS A 7 -16.68 -6.33 -6.53
CA LYS A 7 -16.10 -5.85 -7.78
C LYS A 7 -14.70 -6.45 -8.02
N THR A 8 -14.55 -7.09 -9.17
CA THR A 8 -13.28 -7.71 -9.58
C THR A 8 -12.28 -6.69 -10.15
N HIS A 9 -12.82 -5.64 -10.72
CA HIS A 9 -12.01 -4.58 -11.34
C HIS A 9 -11.96 -3.32 -10.49
N LEU A 10 -10.77 -2.93 -10.08
CA LEU A 10 -10.57 -1.73 -9.27
C LEU A 10 -9.61 -0.76 -9.94
N THR A 11 -9.94 0.51 -9.90
CA THR A 11 -9.10 1.54 -10.49
C THR A 11 -8.31 2.29 -9.42
N TYR A 12 -7.06 2.60 -9.69
CA TYR A 12 -6.26 3.32 -8.73
C TYR A 12 -5.70 4.62 -9.31
N ARG A 13 -5.56 5.62 -8.45
CA ARG A 13 -5.08 6.92 -8.87
C ARG A 13 -3.89 7.40 -8.02
N ILE A 14 -2.85 7.86 -8.69
CA ILE A 14 -1.66 8.37 -8.01
C ILE A 14 -1.80 9.86 -7.71
N VAL A 15 -1.88 10.20 -6.44
CA VAL A 15 -1.98 11.60 -6.03
C VAL A 15 -0.92 11.91 -4.95
N ASN A 16 0.13 11.11 -4.96
CA ASN A 16 1.23 11.27 -4.02
C ASN A 16 2.58 11.26 -4.74
N TYR A 17 3.63 11.64 -4.03
CA TYR A 17 4.96 11.66 -4.61
C TYR A 17 6.03 11.55 -3.52
N THR A 18 7.27 11.87 -3.89
CA THR A 18 8.40 11.84 -2.95
C THR A 18 9.33 13.03 -3.21
N PRO A 19 9.58 13.85 -2.18
CA PRO A 19 10.46 15.02 -2.30
C PRO A 19 11.96 14.65 -2.30
N ASP A 20 12.27 13.46 -1.80
CA ASP A 20 13.66 12.98 -1.72
C ASP A 20 14.11 12.27 -3.02
N LEU A 21 13.42 11.18 -3.36
CA LEU A 21 13.78 10.38 -4.55
C LEU A 21 12.97 10.73 -5.82
N PRO A 22 13.38 10.17 -6.99
CA PRO A 22 12.70 10.40 -8.29
C PRO A 22 11.23 9.92 -8.30
N LYS A 23 10.57 10.09 -9.45
CA LYS A 23 9.17 9.69 -9.55
C LYS A 23 9.01 8.18 -9.81
N ASP A 24 10.05 7.53 -10.33
CA ASP A 24 10.00 6.08 -10.53
C ASP A 24 9.76 5.40 -9.19
N ALA A 25 10.39 5.97 -8.15
CA ALA A 25 10.28 5.46 -6.80
C ALA A 25 8.81 5.38 -6.36
N VAL A 26 8.09 6.49 -6.46
CA VAL A 26 6.69 6.53 -6.03
C VAL A 26 5.71 5.87 -7.02
N ASP A 27 5.71 6.30 -8.28
CA ASP A 27 4.79 5.75 -9.29
C ASP A 27 4.94 4.23 -9.44
N SER A 28 6.15 3.75 -9.67
CA SER A 28 6.39 2.32 -9.82
C SER A 28 6.11 1.56 -8.53
N ALA A 29 6.32 2.19 -7.37
CA ALA A 29 6.03 1.55 -6.09
C ALA A 29 4.54 1.24 -5.97
N VAL A 30 3.71 2.24 -6.27
CA VAL A 30 2.26 2.06 -6.22
C VAL A 30 1.82 0.95 -7.18
N GLU A 31 2.33 0.97 -8.41
CA GLU A 31 2.00 -0.06 -9.41
C GLU A 31 2.56 -1.43 -9.03
N LYS A 32 3.81 -1.49 -8.58
CA LYS A 32 4.42 -2.76 -8.19
C LYS A 32 3.69 -3.36 -6.97
N ALA A 33 3.21 -2.50 -6.09
CA ALA A 33 2.45 -2.94 -4.92
C ALA A 33 1.05 -3.37 -5.34
N LEU A 34 0.46 -2.56 -6.20
CA LEU A 34 -0.87 -2.81 -6.75
C LEU A 34 -0.87 -4.13 -7.55
N LYS A 35 0.14 -4.30 -8.38
CA LYS A 35 0.24 -5.51 -9.21
C LYS A 35 0.89 -6.68 -8.46
N VAL A 36 1.51 -6.45 -7.31
CA VAL A 36 2.09 -7.56 -6.55
C VAL A 36 0.99 -8.53 -6.12
N TRP A 37 -0.22 -7.99 -6.00
CA TRP A 37 -1.39 -8.80 -5.67
C TRP A 37 -1.95 -9.41 -6.95
N GLU A 38 -1.72 -8.73 -8.07
CA GLU A 38 -2.13 -9.22 -9.38
C GLU A 38 -1.30 -10.46 -9.75
N GLU A 39 -0.04 -10.46 -9.31
CA GLU A 39 0.87 -11.58 -9.56
C GLU A 39 0.57 -12.76 -8.61
N VAL A 40 -0.33 -12.53 -7.65
CA VAL A 40 -0.71 -13.56 -6.67
C VAL A 40 -2.19 -13.98 -6.83
N THR A 41 -3.08 -13.01 -7.05
CA THR A 41 -4.51 -13.29 -7.23
C THR A 41 -5.02 -12.72 -8.56
N PRO A 42 -6.06 -13.33 -9.14
CA PRO A 42 -6.63 -12.91 -10.44
C PRO A 42 -7.42 -11.57 -10.40
N LEU A 43 -6.83 -10.54 -9.81
CA LEU A 43 -7.47 -9.22 -9.72
C LEU A 43 -7.20 -8.36 -10.95
N THR A 44 -8.12 -7.46 -11.28
CA THR A 44 -7.95 -6.58 -12.44
C THR A 44 -7.96 -5.10 -12.02
N PHE A 45 -6.96 -4.34 -12.49
CA PHE A 45 -6.85 -2.93 -12.11
C PHE A 45 -6.53 -2.00 -13.29
N SER A 46 -6.67 -0.70 -13.05
CA SER A 46 -6.37 0.33 -14.06
C SER A 46 -5.86 1.61 -13.41
N ARG A 47 -4.77 2.18 -13.95
CA ARG A 47 -4.20 3.42 -13.40
C ARG A 47 -4.66 4.66 -14.19
N LEU A 48 -5.31 5.59 -13.51
CA LEU A 48 -5.80 6.81 -14.18
C LEU A 48 -5.63 8.07 -13.31
N TYR A 49 -6.20 9.19 -13.73
CA TYR A 49 -6.04 10.46 -13.01
C TYR A 49 -7.32 11.30 -12.89
N GLU A 50 -8.36 10.94 -13.66
CA GLU A 50 -9.68 11.64 -13.71
C GLU A 50 -9.93 12.58 -12.52
N GLY A 51 -10.38 12.01 -11.41
CA GLY A 51 -10.65 12.80 -10.21
C GLY A 51 -10.45 11.99 -8.94
N GLU A 52 -11.11 10.84 -8.87
CA GLU A 52 -10.99 9.94 -7.73
C GLU A 52 -11.33 8.51 -8.15
N ALA A 53 -10.32 7.66 -8.24
CA ALA A 53 -10.53 6.27 -8.62
C ALA A 53 -10.84 5.44 -7.37
N ASP A 54 -11.16 4.15 -7.53
CA ASP A 54 -11.44 3.28 -6.38
C ASP A 54 -10.37 3.48 -5.31
N ILE A 55 -9.15 3.15 -5.68
CA ILE A 55 -8.01 3.27 -4.77
C ILE A 55 -7.26 4.58 -5.02
N MET A 56 -7.29 5.47 -4.03
CA MET A 56 -6.62 6.75 -4.15
C MET A 56 -5.42 6.85 -3.21
N ILE A 57 -4.24 6.92 -3.79
CA ILE A 57 -3.00 7.02 -3.03
C ILE A 57 -2.51 8.47 -3.02
N SER A 58 -2.76 9.17 -1.92
CA SER A 58 -2.37 10.58 -1.81
C SER A 58 -1.23 10.81 -0.82
N PHE A 59 -0.56 11.95 -0.94
CA PHE A 59 0.53 12.29 -0.04
C PHE A 59 0.00 13.03 1.19
N ALA A 60 0.76 12.99 2.27
CA ALA A 60 0.37 13.67 3.50
C ALA A 60 1.57 14.35 4.16
N VAL A 61 1.64 15.67 4.02
CA VAL A 61 2.75 16.43 4.61
C VAL A 61 2.47 16.69 6.11
N ARG A 62 3.32 17.48 6.76
CA ARG A 62 3.17 17.78 8.19
C ARG A 62 1.76 18.26 8.60
N GLU A 63 0.97 18.79 7.66
CA GLU A 63 -0.41 19.24 7.94
C GLU A 63 -1.38 18.05 7.97
N HIS A 64 -0.87 16.89 8.33
CA HIS A 64 -1.67 15.66 8.39
C HIS A 64 -2.57 15.61 9.63
N GLY A 65 -3.66 16.39 9.62
CA GLY A 65 -4.55 16.44 10.78
C GLY A 65 -5.78 15.51 10.69
N ASP A 66 -5.73 14.46 9.88
CA ASP A 66 -6.86 13.54 9.78
C ASP A 66 -6.65 12.28 10.65
N PHE A 67 -5.47 12.14 11.25
CA PHE A 67 -5.16 10.98 12.08
C PHE A 67 -3.93 11.21 12.99
N TYR A 68 -2.82 11.66 12.40
CA TYR A 68 -1.59 11.94 13.16
C TYR A 68 -0.67 12.93 12.41
N PRO A 69 -0.21 14.00 13.09
CA PRO A 69 0.68 14.99 12.47
C PRO A 69 2.05 14.40 12.09
N PHE A 70 2.87 15.18 11.40
CA PHE A 70 4.20 14.69 10.99
C PHE A 70 5.08 14.29 12.20
N ASP A 71 5.64 13.11 12.10
CA ASP A 71 6.52 12.55 13.15
C ASP A 71 7.97 12.45 12.67
N GLY A 72 8.23 12.84 11.43
CA GLY A 72 9.58 12.70 10.90
C GLY A 72 9.92 11.22 10.74
N PRO A 73 11.17 10.81 11.03
CA PRO A 73 11.59 9.40 10.92
C PRO A 73 11.09 8.52 12.06
N GLY A 74 9.81 8.66 12.41
CA GLY A 74 9.21 7.87 13.47
C GLY A 74 8.85 6.46 13.02
N ASN A 75 8.30 5.65 13.92
CA ASN A 75 7.92 4.28 13.58
C ASN A 75 6.65 4.23 12.70
N VAL A 76 5.90 5.33 12.69
CA VAL A 76 4.68 5.40 11.86
C VAL A 76 5.02 6.04 10.51
N LEU A 77 4.53 5.46 9.41
CA LEU A 77 4.85 6.02 8.07
C LEU A 77 3.66 6.13 7.12
N ALA A 78 2.54 5.45 7.39
CA ALA A 78 1.39 5.50 6.47
C ALA A 78 0.12 4.85 7.05
N HIS A 79 -1.03 5.24 6.52
CA HIS A 79 -2.30 4.67 6.95
C HIS A 79 -3.29 4.60 5.77
N ALA A 80 -4.12 3.57 5.74
CA ALA A 80 -5.07 3.37 4.63
C ALA A 80 -6.43 2.86 5.09
N TYR A 81 -7.41 2.94 4.18
CA TYR A 81 -8.78 2.48 4.45
C TYR A 81 -9.24 1.50 3.35
N ALA A 82 -10.22 0.65 3.66
CA ALA A 82 -10.69 -0.34 2.68
C ALA A 82 -12.20 -0.61 2.71
N PRO A 83 -12.77 -1.16 3.81
CA PRO A 83 -14.20 -1.48 3.85
C PRO A 83 -15.10 -0.27 4.16
N GLY A 84 -15.22 0.63 3.19
CA GLY A 84 -16.05 1.80 3.37
C GLY A 84 -16.77 2.22 2.08
N PRO A 85 -17.86 2.98 2.18
CA PRO A 85 -18.60 3.45 1.00
C PRO A 85 -17.90 4.62 0.29
N GLY A 86 -17.06 5.35 1.03
CA GLY A 86 -16.33 6.47 0.47
C GLY A 86 -14.83 6.26 0.56
N ILE A 87 -14.34 5.99 1.78
CA ILE A 87 -12.91 5.75 2.02
C ILE A 87 -12.43 4.38 1.47
N ASN A 88 -13.16 3.85 0.51
CA ASN A 88 -12.83 2.57 -0.11
C ASN A 88 -11.49 2.70 -0.85
N GLY A 89 -10.49 1.95 -0.37
CA GLY A 89 -9.17 1.96 -0.98
C GLY A 89 -8.47 3.32 -0.98
N ASP A 90 -8.44 4.02 0.14
CA ASP A 90 -7.78 5.34 0.19
C ASP A 90 -6.68 5.39 1.26
N ALA A 91 -5.48 5.82 0.86
CA ALA A 91 -4.32 5.86 1.76
C ALA A 91 -3.55 7.20 1.76
N HIS A 92 -2.67 7.35 2.76
CA HIS A 92 -1.83 8.55 2.90
C HIS A 92 -0.39 8.18 3.24
N PHE A 93 0.56 8.93 2.68
CA PHE A 93 1.99 8.69 2.92
C PHE A 93 2.63 9.90 3.59
N ASP A 94 3.43 9.66 4.63
CA ASP A 94 4.11 10.74 5.35
C ASP A 94 5.19 11.42 4.46
N ASP A 95 4.83 12.54 3.83
CA ASP A 95 5.75 13.27 2.93
C ASP A 95 7.07 13.68 3.63
N ASP A 96 6.97 14.10 4.88
CA ASP A 96 8.15 14.51 5.67
C ASP A 96 9.00 13.29 6.09
N GLU A 97 9.54 12.56 5.11
CA GLU A 97 10.33 11.35 5.40
C GLU A 97 11.24 10.94 4.21
N GLN A 98 12.22 10.08 4.49
CA GLN A 98 13.16 9.61 3.45
C GLN A 98 12.62 8.40 2.67
N TRP A 99 11.69 8.65 1.77
CA TRP A 99 11.10 7.59 0.95
C TRP A 99 12.16 7.00 0.00
N THR A 100 12.46 5.73 0.19
CA THR A 100 13.49 5.06 -0.61
C THR A 100 12.98 3.74 -1.22
N LYS A 101 13.70 3.24 -2.22
CA LYS A 101 13.31 2.00 -2.93
C LYS A 101 14.31 0.87 -2.66
N ASP A 102 15.38 1.16 -1.92
CA ASP A 102 16.42 0.18 -1.64
C ASP A 102 16.53 -0.12 -0.12
N THR A 103 15.51 0.31 0.66
CA THR A 103 15.49 0.08 2.13
C THR A 103 16.45 1.02 2.87
N THR A 104 16.92 2.04 2.16
CA THR A 104 17.85 3.03 2.72
C THR A 104 17.21 3.91 3.81
N GLY A 105 15.92 3.77 3.98
CA GLY A 105 15.19 4.53 4.98
C GLY A 105 13.72 4.13 4.99
N THR A 106 12.84 5.00 4.50
CA THR A 106 11.41 4.69 4.41
C THR A 106 11.13 3.96 3.09
N ASN A 107 11.18 2.63 3.10
CA ASN A 107 10.92 1.85 1.89
C ASN A 107 9.49 2.05 1.38
N LEU A 108 9.35 2.94 0.39
CA LEU A 108 8.03 3.26 -0.16
C LEU A 108 7.45 2.10 -0.98
N PHE A 109 8.30 1.17 -1.42
CA PHE A 109 7.83 0.02 -2.17
C PHE A 109 7.16 -0.97 -1.21
N LEU A 110 7.83 -1.27 -0.10
CA LEU A 110 7.28 -2.19 0.91
C LEU A 110 6.06 -1.55 1.59
N VAL A 111 6.16 -0.28 1.93
CA VAL A 111 5.06 0.44 2.56
C VAL A 111 3.84 0.50 1.63
N ALA A 112 4.06 0.83 0.36
CA ALA A 112 2.97 0.87 -0.61
C ALA A 112 2.29 -0.49 -0.74
N ALA A 113 3.09 -1.55 -0.82
CA ALA A 113 2.55 -2.91 -0.92
C ALA A 113 1.69 -3.22 0.31
N HIS A 114 2.19 -2.86 1.47
CA HIS A 114 1.48 -3.04 2.73
C HIS A 114 0.20 -2.18 2.77
N GLU A 115 0.29 -0.96 2.25
CA GLU A 115 -0.86 -0.06 2.22
C GLU A 115 -1.90 -0.53 1.19
N ILE A 116 -1.43 -0.98 0.03
CA ILE A 116 -2.32 -1.50 -1.00
C ILE A 116 -3.07 -2.73 -0.48
N GLY A 117 -2.34 -3.61 0.21
CA GLY A 117 -2.96 -4.80 0.79
C GLY A 117 -4.08 -4.40 1.75
N HIS A 118 -3.85 -3.32 2.50
CA HIS A 118 -4.86 -2.79 3.42
C HIS A 118 -6.08 -2.32 2.63
N SER A 119 -5.85 -1.40 1.70
CA SER A 119 -6.90 -0.81 0.85
C SER A 119 -7.73 -1.87 0.11
N LEU A 120 -7.09 -2.98 -0.27
CA LEU A 120 -7.79 -4.06 -0.96
C LEU A 120 -8.82 -4.75 -0.05
N GLY A 121 -8.67 -4.58 1.26
CA GLY A 121 -9.61 -5.17 2.20
C GLY A 121 -8.97 -6.06 3.27
N LEU A 122 -7.73 -5.80 3.62
CA LEU A 122 -7.04 -6.62 4.61
C LEU A 122 -6.47 -5.78 5.78
N PHE A 123 -6.36 -6.40 6.95
CA PHE A 123 -5.85 -5.73 8.14
C PHE A 123 -4.39 -6.13 8.42
N HIS A 124 -4.12 -6.65 9.61
CA HIS A 124 -2.75 -7.06 9.97
C HIS A 124 -2.63 -8.57 10.10
N SER A 125 -1.42 -9.08 9.89
CA SER A 125 -1.15 -10.50 9.98
C SER A 125 -0.21 -10.82 11.17
N ALA A 126 0.39 -12.01 11.17
CA ALA A 126 1.25 -12.41 12.29
C ALA A 126 2.62 -12.98 11.86
N ASN A 127 2.72 -13.53 10.65
CA ASN A 127 3.98 -14.10 10.19
C ASN A 127 4.99 -13.01 9.79
N THR A 128 6.24 -13.22 10.16
CA THR A 128 7.32 -12.27 9.86
C THR A 128 7.57 -12.09 8.36
N GLU A 129 7.20 -13.08 7.55
CA GLU A 129 7.37 -12.97 6.09
C GLU A 129 6.15 -12.33 5.43
N ALA A 130 5.07 -12.18 6.20
CA ALA A 130 3.83 -11.63 5.66
C ALA A 130 3.95 -10.15 5.33
N LEU A 131 3.47 -9.78 4.15
CA LEU A 131 3.50 -8.39 3.70
C LEU A 131 2.60 -7.51 4.58
N MET A 132 1.64 -8.14 5.25
CA MET A 132 0.71 -7.42 6.12
C MET A 132 1.12 -7.45 7.60
N TYR A 133 2.40 -7.66 7.87
CA TYR A 133 2.92 -7.68 9.24
C TYR A 133 2.86 -6.27 9.85
N PRO A 134 2.42 -6.13 11.12
CA PRO A 134 2.30 -4.82 11.80
C PRO A 134 3.63 -4.11 12.13
N LEU A 135 4.74 -4.61 11.60
CA LEU A 135 6.04 -3.99 11.88
C LEU A 135 6.93 -3.91 10.63
N TYR A 136 7.39 -2.71 10.31
CA TYR A 136 8.27 -2.50 9.17
C TYR A 136 9.64 -3.13 9.42
N HIS A 137 9.82 -4.35 8.92
CA HIS A 137 11.06 -5.08 9.10
C HIS A 137 12.18 -4.59 8.17
N SER A 138 13.29 -4.16 8.77
CA SER A 138 14.46 -3.69 8.00
C SER A 138 15.16 -4.87 7.30
N LEU A 139 14.44 -5.54 6.43
CA LEU A 139 14.97 -6.69 5.70
C LEU A 139 15.70 -6.26 4.41
N THR A 140 17.02 -6.12 4.51
CA THR A 140 17.85 -5.72 3.35
C THR A 140 17.80 -6.75 2.22
N ASP A 141 17.29 -7.94 2.52
CA ASP A 141 17.18 -8.99 1.52
C ASP A 141 15.99 -8.74 0.58
N LEU A 142 16.17 -7.82 -0.36
CA LEU A 142 15.12 -7.50 -1.33
C LEU A 142 14.99 -8.58 -2.40
N THR A 143 15.89 -9.56 -2.38
CA THR A 143 15.85 -10.66 -3.33
C THR A 143 14.99 -11.80 -2.78
N ARG A 144 14.65 -11.69 -1.51
CA ARG A 144 13.80 -12.68 -0.83
C ARG A 144 12.41 -12.10 -0.51
N PHE A 145 12.21 -10.82 -0.83
CA PHE A 145 10.92 -10.16 -0.57
C PHE A 145 9.79 -10.86 -1.33
N ARG A 146 8.75 -11.27 -0.61
CA ARG A 146 7.65 -11.99 -1.22
C ARG A 146 6.38 -11.98 -0.34
N LEU A 147 5.39 -12.73 -0.78
CA LEU A 147 4.14 -12.89 -0.06
C LEU A 147 4.19 -14.22 0.69
N SER A 148 3.60 -14.30 1.88
CA SER A 148 3.62 -15.55 2.64
C SER A 148 2.20 -16.11 2.85
N GLN A 149 2.13 -17.40 3.19
CA GLN A 149 0.84 -18.08 3.41
C GLN A 149 -0.09 -17.28 4.33
N ASP A 150 0.51 -16.57 5.29
CA ASP A 150 -0.21 -15.73 6.25
C ASP A 150 -1.05 -14.66 5.53
N ASP A 151 -0.37 -13.72 4.86
CA ASP A 151 -1.05 -12.65 4.12
C ASP A 151 -1.78 -13.22 2.90
N ILE A 152 -1.25 -14.32 2.35
CA ILE A 152 -1.86 -14.99 1.20
C ILE A 152 -3.31 -15.39 1.51
N ASN A 153 -3.54 -15.97 2.68
CA ASN A 153 -4.89 -16.37 3.08
C ASN A 153 -5.79 -15.13 3.19
N GLY A 154 -5.22 -14.03 3.66
CA GLY A 154 -5.97 -12.80 3.80
C GLY A 154 -6.49 -12.29 2.46
N ILE A 155 -5.60 -12.18 1.46
CA ILE A 155 -6.01 -11.74 0.13
C ILE A 155 -6.85 -12.81 -0.58
N GLN A 156 -6.63 -14.07 -0.21
CA GLN A 156 -7.39 -15.19 -0.77
C GLN A 156 -8.88 -15.08 -0.39
N SER A 157 -9.15 -14.75 0.88
CA SER A 157 -10.53 -14.57 1.35
C SER A 157 -11.21 -13.47 0.52
N LEU A 158 -10.44 -12.46 0.14
CA LEU A 158 -10.95 -11.36 -0.68
C LEU A 158 -11.16 -11.80 -2.12
N TYR A 159 -10.10 -12.06 -2.87
CA TYR A 159 -10.27 -12.50 -4.25
C TYR A 159 -9.64 -13.88 -4.49
N GLY A 160 -10.38 -14.90 -4.08
CA GLY A 160 -9.98 -16.28 -4.23
C GLY A 160 -11.15 -17.19 -3.95
N PRO A 161 -10.93 -18.46 -3.55
CA PRO A 161 -12.04 -19.38 -3.22
C PRO A 161 -12.91 -18.84 -2.07
#